data_6BOZ
#
_entry.id   6BOZ
#
_cell.length_a   31.560
_cell.length_b   68.060
_cell.length_c   125.900
_cell.angle_alpha   90.000
_cell.angle_beta   90.000
_cell.angle_gamma   90.000
#
_symmetry.space_group_name_H-M   'P 21 21 21'
#
loop_
_entity.id
_entity.type
_entity.pdbx_description
1 polymer 'N-lysine methyltransferase KMT5A'
2 non-polymer 1,2-ETHANEDIOL
3 non-polymer N-(3-{[7-(2-aminoethoxy)-6-methoxy-2-(pyrrolidin-1-yl)quinazolin-4-yl]amino}propyl)prop-2-enamide
4 water water
#
_entity_poly.entity_id   1
_entity_poly.type   'polypeptide(L)'
_entity_poly.pdbx_seq_one_letter_code
;MSYYHHHHHHDYDIPTTENLYFQGAMGSRKSKAELQSEERKRIDELIESGKEEGMKIDLIDGKGRGVIATKQFSRGDFVV
EYHGDLIEITDAKKREALYAQDPSTGCYMYYFQYLSKTYCVDATRETNRLGRLINHSKSGNCQTKLHDIDGVPHLILIAS
RDIAAGEELLYDYGDRSKASIEAHPWLKH
;
_entity_poly.pdbx_strand_id   A,B
#
# COMPACT_ATOMS: atom_id res chain seq x y z
N ARG A 42 -9.41 18.91 23.25
CA ARG A 42 -8.23 18.18 23.71
C ARG A 42 -7.32 17.89 22.50
N ILE A 43 -7.00 16.60 22.32
CA ILE A 43 -6.40 16.14 21.07
C ILE A 43 -7.22 16.61 19.88
N ASP A 44 -8.53 16.82 20.08
CA ASP A 44 -9.46 17.02 18.97
C ASP A 44 -9.33 18.38 18.32
N GLU A 45 -9.00 19.45 19.06
CA GLU A 45 -8.89 20.73 18.38
C GLU A 45 -7.54 20.88 17.69
N LEU A 46 -6.50 20.24 18.21
CA LEU A 46 -5.26 20.12 17.46
C LEU A 46 -5.50 19.46 16.10
N ILE A 47 -6.41 18.49 16.04
CA ILE A 47 -6.66 17.75 14.81
C ILE A 47 -7.45 18.60 13.81
N GLU A 48 -8.59 19.14 14.24
CA GLU A 48 -9.39 19.94 13.32
C GLU A 48 -8.70 21.23 12.93
N SER A 49 -7.80 21.75 13.77
CA SER A 49 -7.09 22.96 13.43
C SER A 49 -6.00 22.73 12.40
N GLY A 50 -5.47 21.52 12.31
CA GLY A 50 -4.31 21.26 11.49
C GLY A 50 -3.05 21.93 11.96
N LYS A 51 -3.08 22.65 13.08
CA LYS A 51 -1.85 23.20 13.64
C LYS A 51 -0.92 22.05 13.95
N GLU A 52 0.25 22.05 13.34
CA GLU A 52 1.16 20.95 13.63
C GLU A 52 2.44 21.50 14.24
N GLU A 53 2.31 22.05 15.43
CA GLU A 53 3.49 22.58 16.10
C GLU A 53 4.17 21.47 16.89
N GLY A 54 5.42 21.74 17.27
CA GLY A 54 6.22 20.76 17.94
C GLY A 54 7.11 19.94 17.04
N MET A 55 7.06 20.20 15.73
CA MET A 55 7.85 19.43 14.79
C MET A 55 8.20 20.30 13.59
N LYS A 56 9.22 19.86 12.84
CA LYS A 56 9.74 20.63 11.71
C LYS A 56 10.38 19.67 10.72
N ILE A 57 10.27 19.99 9.44
CA ILE A 57 10.99 19.22 8.43
C ILE A 57 12.48 19.50 8.54
N ASP A 58 13.29 18.49 8.21
CA ASP A 58 14.73 18.68 8.18
C ASP A 58 15.31 17.60 7.29
N LEU A 59 16.52 17.85 6.82
CA LEU A 59 17.33 16.82 6.20
C LEU A 59 18.21 16.22 7.28
N ILE A 60 18.17 14.90 7.41
CA ILE A 60 19.01 14.20 8.38
C ILE A 60 20.23 13.67 7.65
N ASP A 61 21.38 13.72 8.31
CA ASP A 61 22.60 13.16 7.73
C ASP A 61 22.39 11.70 7.37
N GLY A 62 22.61 11.37 6.10
CA GLY A 62 22.57 10.01 5.63
C GLY A 62 21.20 9.51 5.20
N LYS A 63 20.14 10.24 5.51
CA LYS A 63 18.79 9.76 5.32
C LYS A 63 17.94 10.64 4.43
N GLY A 64 18.11 11.96 4.47
CA GLY A 64 17.30 12.86 3.67
C GLY A 64 16.20 13.48 4.50
N ARG A 65 15.05 13.75 3.87
CA ARG A 65 13.97 14.40 4.57
C ARG A 65 13.47 13.54 5.73
N GLY A 66 13.31 14.16 6.89
CA GLY A 66 12.62 13.57 8.01
C GLY A 66 11.91 14.69 8.74
N VAL A 67 11.14 14.31 9.77
CA VAL A 67 10.47 15.29 10.63
C VAL A 67 11.08 15.18 12.02
N ILE A 68 11.39 16.33 12.60
CA ILE A 68 12.15 16.45 13.84
C ILE A 68 11.23 16.95 14.93
N ALA A 69 11.33 16.35 16.12
CA ALA A 69 10.66 16.90 17.29
C ALA A 69 11.35 18.19 17.72
N THR A 70 10.57 19.29 17.83
CA THR A 70 11.06 20.56 18.32
C THR A 70 10.59 20.84 19.76
N LYS A 71 9.95 19.87 20.39
CA LYS A 71 9.54 19.93 21.79
C LYS A 71 9.52 18.51 22.34
N GLN A 72 9.37 18.42 23.66
CA GLN A 72 9.28 17.12 24.32
C GLN A 72 7.89 16.52 24.20
N PHE A 73 7.84 15.21 23.96
CA PHE A 73 6.59 14.43 24.02
C PHE A 73 6.74 13.33 25.06
N SER A 74 5.76 13.24 25.96
CA SER A 74 5.72 12.14 26.90
C SER A 74 5.05 10.94 26.23
N ARG A 75 5.35 9.74 26.75
CA ARG A 75 4.66 8.56 26.25
C ARG A 75 3.15 8.77 26.28
N GLY A 76 2.49 8.54 25.15
CA GLY A 76 1.05 8.63 25.05
C GLY A 76 0.52 9.93 24.47
N ASP A 77 1.36 10.96 24.41
CA ASP A 77 0.93 12.25 23.88
C ASP A 77 0.58 12.16 22.40
N PHE A 78 -0.32 13.04 21.97
CA PHE A 78 -0.65 13.14 20.56
C PHE A 78 0.50 13.84 19.82
N VAL A 79 0.89 13.29 18.67
CA VAL A 79 1.98 13.85 17.87
C VAL A 79 1.44 14.55 16.63
N VAL A 80 0.70 13.85 15.79
CA VAL A 80 0.26 14.41 14.52
C VAL A 80 -0.74 13.44 13.89
N GLU A 81 -1.66 13.96 13.09
CA GLU A 81 -2.48 13.11 12.26
C GLU A 81 -1.74 12.73 10.99
N TYR A 82 -1.93 11.49 10.56
CA TYR A 82 -1.65 11.09 9.18
C TYR A 82 -2.84 11.59 8.35
N HIS A 83 -2.75 12.82 7.84
CA HIS A 83 -3.90 13.48 7.27
C HIS A 83 -3.95 13.24 5.75
N GLY A 84 -5.14 12.93 5.26
CA GLY A 84 -5.38 12.76 3.85
C GLY A 84 -6.86 12.87 3.57
N ASP A 85 -7.24 12.48 2.35
CA ASP A 85 -8.66 12.31 2.02
C ASP A 85 -9.15 10.99 2.63
N LEU A 86 -10.30 11.04 3.29
CA LEU A 86 -10.97 9.85 3.81
C LEU A 86 -12.00 9.40 2.80
N ILE A 87 -11.83 8.19 2.25
CA ILE A 87 -12.63 7.71 1.13
C ILE A 87 -13.01 6.25 1.37
N GLU A 88 -14.10 5.84 0.74
CA GLU A 88 -14.45 4.43 0.79
C GLU A 88 -13.61 3.65 -0.23
N ILE A 89 -13.58 2.32 -0.06
CA ILE A 89 -12.66 1.50 -0.84
C ILE A 89 -12.97 1.58 -2.34
N THR A 90 -14.25 1.73 -2.68
CA THR A 90 -14.62 1.84 -4.09
C THR A 90 -13.89 2.98 -4.78
N ASP A 91 -13.79 4.14 -4.11
CA ASP A 91 -13.02 5.25 -4.65
C ASP A 91 -11.53 5.07 -4.47
N ALA A 92 -11.10 4.36 -3.43
CA ALA A 92 -9.70 4.02 -3.32
C ALA A 92 -9.21 3.26 -4.55
N LYS A 93 -10.05 2.35 -5.08
CA LYS A 93 -9.60 1.56 -6.22
C LYS A 93 -9.55 2.40 -7.49
N LYS A 94 -10.54 3.29 -7.68
CA LYS A 94 -10.50 4.20 -8.82
C LYS A 94 -9.27 5.12 -8.75
N ARG A 95 -9.00 5.69 -7.57
CA ARG A 95 -7.82 6.53 -7.41
C ARG A 95 -6.55 5.74 -7.73
N GLU A 96 -6.42 4.57 -7.10
CA GLU A 96 -5.26 3.73 -7.33
C GLU A 96 -5.03 3.48 -8.82
N ALA A 97 -6.12 3.27 -9.57
CA ALA A 97 -6.00 2.97 -10.99
C ALA A 97 -5.65 4.20 -11.80
N LEU A 98 -5.98 5.39 -11.30
CA LEU A 98 -5.74 6.62 -12.06
C LEU A 98 -4.42 7.31 -11.71
N TYR A 99 -3.84 7.05 -10.55
CA TYR A 99 -2.56 7.67 -10.23
C TYR A 99 -1.47 7.17 -11.18
N ALA A 100 -0.67 8.11 -11.69
CA ALA A 100 0.45 7.78 -12.56
C ALA A 100 1.72 7.61 -11.74
N GLN A 101 1.60 6.83 -10.67
CA GLN A 101 2.71 6.57 -9.77
C GLN A 101 3.14 5.11 -9.92
N ASP A 102 4.43 4.91 -9.91
CA ASP A 102 4.98 3.57 -9.98
C ASP A 102 4.97 2.97 -8.58
N PRO A 103 4.54 1.72 -8.42
CA PRO A 103 4.42 1.17 -7.05
C PRO A 103 5.74 1.05 -6.31
N SER A 104 6.89 1.16 -6.97
CA SER A 104 8.16 0.94 -6.28
C SER A 104 8.61 2.13 -5.45
N THR A 105 7.94 3.29 -5.57
CA THR A 105 8.21 4.41 -4.66
C THR A 105 7.27 4.41 -3.47
N GLY A 106 6.30 3.53 -3.45
CA GLY A 106 5.50 3.30 -2.27
C GLY A 106 4.15 3.97 -2.35
N CYS A 107 3.32 3.62 -1.37
CA CYS A 107 1.89 3.93 -1.42
C CYS A 107 1.51 4.74 -0.19
N TYR A 108 0.81 5.84 -0.40
CA TYR A 108 0.33 6.68 0.70
C TYR A 108 -1.09 6.31 1.11
N MET A 109 -1.61 5.21 0.57
CA MET A 109 -3.00 4.83 0.78
C MET A 109 -3.06 3.76 1.86
N TYR A 110 -3.73 4.08 2.98
CA TYR A 110 -3.76 3.24 4.16
C TYR A 110 -5.18 2.72 4.38
N TYR A 111 -5.37 1.41 4.26
CA TYR A 111 -6.70 0.82 4.37
C TYR A 111 -6.97 0.41 5.81
N PHE A 112 -8.20 0.63 6.26
CA PHE A 112 -8.59 0.17 7.58
C PHE A 112 -10.10 -0.02 7.57
N GLN A 113 -10.57 -0.67 8.61
CA GLN A 113 -11.99 -0.93 8.79
C GLN A 113 -12.52 0.02 9.86
N TYR A 114 -13.68 0.62 9.59
CA TYR A 114 -14.31 1.48 10.59
C TYR A 114 -15.77 1.08 10.74
N LEU A 115 -16.07 0.48 11.89
CA LEU A 115 -17.39 -0.04 12.20
C LEU A 115 -17.82 -1.04 11.14
N SER A 116 -18.63 -0.56 10.19
CA SER A 116 -19.13 -1.44 9.14
C SER A 116 -18.12 -1.55 8.00
N LYS A 117 -17.74 -0.41 7.44
CA LYS A 117 -17.19 -0.35 6.10
C LYS A 117 -15.67 -0.36 6.08
N THR A 118 -15.12 -0.59 4.90
CA THR A 118 -13.70 -0.39 4.67
C THR A 118 -13.49 1.01 4.11
N TYR A 119 -12.65 1.79 4.79
CA TYR A 119 -12.25 3.10 4.37
C TYR A 119 -10.76 3.11 4.04
N CYS A 120 -10.33 4.24 3.52
CA CYS A 120 -8.94 4.46 3.16
C CYS A 120 -8.60 5.91 3.45
N VAL A 121 -7.43 6.12 4.04
CA VAL A 121 -6.82 7.44 4.15
C VAL A 121 -5.82 7.56 3.01
N ASP A 122 -6.10 8.46 2.06
CA ASP A 122 -5.25 8.68 0.89
C ASP A 122 -4.50 9.99 1.07
N ALA A 123 -3.21 9.88 1.41
CA ALA A 123 -2.33 11.03 1.52
C ALA A 123 -1.38 11.14 0.33
N THR A 124 -1.77 10.61 -0.82
CA THR A 124 -0.93 10.68 -2.01
C THR A 124 -0.55 12.11 -2.34
N ARG A 125 -1.52 13.04 -2.27
CA ARG A 125 -1.26 14.42 -2.64
C ARG A 125 -0.19 15.05 -1.75
N GLU A 126 0.79 15.71 -2.38
CA GLU A 126 1.91 16.30 -1.65
C GLU A 126 1.42 17.61 -1.04
N THR A 127 1.09 17.57 0.26
CA THR A 127 0.49 18.70 0.96
C THR A 127 1.51 19.43 1.81
N ASN A 128 1.03 20.39 2.57
CA ASN A 128 1.80 21.04 3.62
C ASN A 128 1.90 20.20 4.89
N ARG A 129 1.18 19.07 4.96
CA ARG A 129 1.01 18.34 6.21
C ARG A 129 2.21 17.45 6.49
N LEU A 130 2.61 17.39 7.76
CA LEU A 130 3.84 16.71 8.13
C LEU A 130 3.65 15.25 8.51
N GLY A 131 2.42 14.81 8.76
CA GLY A 131 2.20 13.43 9.15
C GLY A 131 2.70 12.46 8.10
N ARG A 132 2.48 12.78 6.83
CA ARG A 132 2.86 11.87 5.76
C ARG A 132 4.36 11.85 5.50
N LEU A 133 5.13 12.79 6.02
CA LEU A 133 6.57 12.79 5.82
C LEU A 133 7.35 12.14 6.96
N ILE A 134 6.66 11.61 7.96
CA ILE A 134 7.35 11.00 9.09
C ILE A 134 7.83 9.61 8.68
N ASN A 135 9.14 9.38 8.77
CA ASN A 135 9.73 8.15 8.27
C ASN A 135 9.31 6.95 9.13
N HIS A 136 9.44 5.77 8.54
CA HIS A 136 9.08 4.54 9.24
C HIS A 136 10.30 3.95 9.92
N SER A 137 10.05 3.28 11.04
CA SER A 137 11.06 2.47 11.72
C SER A 137 10.38 1.35 12.47
N LYS A 138 11.01 0.17 12.44
CA LYS A 138 10.59 -0.95 13.27
C LYS A 138 10.88 -0.73 14.75
N SER A 139 11.67 0.28 15.10
CA SER A 139 11.92 0.68 16.48
C SER A 139 11.76 2.19 16.61
N GLY A 140 10.54 2.67 16.36
CA GLY A 140 10.27 4.09 16.33
C GLY A 140 9.80 4.62 17.66
N ASN A 141 9.37 5.88 17.64
CA ASN A 141 8.91 6.54 18.84
C ASN A 141 7.44 6.97 18.74
N CYS A 142 6.74 6.53 17.67
CA CYS A 142 5.36 6.91 17.36
C CYS A 142 4.56 5.70 16.91
N GLN A 143 3.33 5.60 17.42
CA GLN A 143 2.40 4.53 17.13
C GLN A 143 1.13 5.08 16.51
N THR A 144 0.57 4.33 15.57
CA THR A 144 -0.71 4.72 15.00
C THR A 144 -1.84 4.24 15.90
N LYS A 145 -2.94 5.00 15.89
CA LYS A 145 -4.17 4.54 16.49
C LYS A 145 -5.34 5.22 15.79
N LEU A 146 -6.52 4.63 15.95
CA LEU A 146 -7.77 5.18 15.42
C LEU A 146 -8.43 6.07 16.49
N HIS A 147 -8.46 7.37 16.23
CA HIS A 147 -9.13 8.34 17.08
C HIS A 147 -10.37 8.85 16.36
N ASP A 148 -11.52 8.79 17.02
CA ASP A 148 -12.79 9.19 16.43
C ASP A 148 -13.17 10.60 16.87
N ILE A 149 -13.71 11.39 15.94
CA ILE A 149 -14.22 12.73 16.23
C ILE A 149 -15.60 12.84 15.58
N ASP A 150 -16.63 12.95 16.42
CA ASP A 150 -18.02 13.04 15.97
C ASP A 150 -18.36 11.97 14.94
N GLY A 151 -17.83 10.76 15.13
CA GLY A 151 -18.13 9.64 14.27
C GLY A 151 -17.24 9.50 13.05
N VAL A 152 -16.21 10.31 12.92
CA VAL A 152 -15.29 10.27 11.78
C VAL A 152 -13.98 9.70 12.25
N PRO A 153 -13.44 8.67 11.57
CA PRO A 153 -12.15 8.11 11.98
C PRO A 153 -10.99 9.03 11.59
N HIS A 154 -10.06 9.21 12.52
CA HIS A 154 -8.83 9.93 12.24
C HIS A 154 -7.67 9.05 12.66
N LEU A 155 -6.72 8.86 11.75
CA LEU A 155 -5.56 8.02 12.01
C LEU A 155 -4.43 8.94 12.48
N ILE A 156 -4.00 8.74 13.71
CA ILE A 156 -3.13 9.68 14.40
C ILE A 156 -1.89 8.92 14.84
N LEU A 157 -0.85 9.70 15.15
CA LEU A 157 0.37 9.16 15.73
C LEU A 157 0.45 9.63 17.18
N ILE A 158 0.58 8.68 18.11
CA ILE A 158 0.85 9.01 19.50
C ILE A 158 2.25 8.52 19.85
N ALA A 159 2.87 9.22 20.78
CA ALA A 159 4.22 8.88 21.19
C ALA A 159 4.21 7.54 21.91
N SER A 160 5.08 6.64 21.50
CA SER A 160 5.15 5.33 22.14
C SER A 160 6.19 5.29 23.25
N ARG A 161 7.07 6.28 23.32
CA ARG A 161 8.00 6.49 24.42
C ARG A 161 8.16 8.00 24.58
N ASP A 162 8.79 8.40 25.68
CA ASP A 162 9.19 9.79 25.83
C ASP A 162 10.10 10.18 24.66
N ILE A 163 9.81 11.30 24.03
CA ILE A 163 10.62 11.84 22.94
C ILE A 163 11.25 13.16 23.37
N ALA A 164 12.56 13.26 23.21
CA ALA A 164 13.26 14.52 23.42
C ALA A 164 13.22 15.39 22.17
N ALA A 165 13.14 16.70 22.40
CA ALA A 165 13.29 17.64 21.29
C ALA A 165 14.62 17.41 20.59
N GLY A 166 14.61 17.57 19.27
CA GLY A 166 15.76 17.27 18.44
C GLY A 166 15.77 15.86 17.86
N GLU A 167 15.06 14.91 18.49
CA GLU A 167 14.93 13.56 17.95
C GLU A 167 14.11 13.53 16.67
N GLU A 168 14.47 12.66 15.74
CA GLU A 168 13.62 12.46 14.57
C GLU A 168 12.39 11.67 15.00
N LEU A 169 11.23 12.11 14.54
CA LEU A 169 10.01 11.34 14.72
C LEU A 169 10.03 10.17 13.76
N LEU A 170 9.67 8.98 14.26
CA LEU A 170 9.65 7.77 13.46
C LEU A 170 8.45 6.94 13.87
N TYR A 171 7.70 6.44 12.89
CA TYR A 171 6.42 5.81 13.15
C TYR A 171 6.49 4.31 12.90
N ASP A 172 5.66 3.58 13.64
CA ASP A 172 5.33 2.21 13.36
C ASP A 172 3.83 2.08 13.50
N TYR A 173 3.29 1.05 12.85
CA TYR A 173 1.87 0.75 12.92
C TYR A 173 1.57 0.16 14.29
N GLY A 174 0.50 0.66 14.91
CA GLY A 174 0.15 0.29 16.27
C GLY A 174 0.44 -1.15 16.64
N ASP A 175 1.14 -1.35 17.76
CA ASP A 175 1.37 -2.69 18.26
C ASP A 175 0.07 -3.29 18.77
N ARG A 176 -0.06 -4.60 18.62
CA ARG A 176 -1.21 -5.32 19.14
C ARG A 176 -0.77 -6.22 20.28
N SER A 177 -1.36 -5.99 21.45
CA SER A 177 -1.11 -6.75 22.65
C SER A 177 -2.41 -6.80 23.45
N LYS A 178 -2.58 -7.86 24.22
CA LYS A 178 -3.73 -7.93 25.11
C LYS A 178 -3.42 -7.38 26.49
N ALA A 179 -2.48 -6.45 26.58
CA ALA A 179 -2.11 -5.84 27.84
C ALA A 179 -2.77 -4.47 27.98
N SER A 180 -2.76 -3.96 29.22
CA SER A 180 -3.26 -2.62 29.52
C SER A 180 -2.61 -1.55 28.65
N ARG B 42 -12.24 -23.68 -17.96
CA ARG B 42 -12.47 -22.69 -18.99
C ARG B 42 -11.32 -21.70 -19.01
N ILE B 43 -11.21 -20.99 -17.90
CA ILE B 43 -10.04 -20.18 -17.56
C ILE B 43 -9.51 -20.51 -16.19
N ASP B 44 -10.36 -21.09 -15.32
CA ASP B 44 -9.92 -21.68 -14.05
C ASP B 44 -8.77 -22.65 -14.23
N GLU B 45 -8.66 -23.27 -15.41
CA GLU B 45 -7.64 -24.29 -15.61
C GLU B 45 -6.25 -23.71 -15.47
N LEU B 46 -6.03 -22.51 -16.04
CA LEU B 46 -4.73 -21.88 -15.93
C LEU B 46 -4.44 -21.45 -14.50
N ILE B 47 -5.44 -20.90 -13.81
CA ILE B 47 -5.27 -20.51 -12.41
C ILE B 47 -4.81 -21.69 -11.57
N GLU B 48 -5.53 -22.81 -11.64
CA GLU B 48 -5.19 -23.98 -10.85
C GLU B 48 -3.82 -24.52 -11.25
N SER B 49 -3.57 -24.60 -12.56
CA SER B 49 -2.26 -24.97 -13.10
C SER B 49 -1.11 -24.39 -12.29
N GLY B 50 -1.16 -23.09 -11.98
CA GLY B 50 -0.02 -22.42 -11.37
C GLY B 50 1.13 -22.17 -12.31
N LYS B 51 1.03 -22.63 -13.56
CA LYS B 51 2.06 -22.39 -14.56
C LYS B 51 2.11 -20.93 -14.93
N GLU B 52 3.29 -20.48 -15.35
CA GLU B 52 3.51 -19.11 -15.74
C GLU B 52 4.18 -19.13 -17.11
N GLU B 53 3.43 -19.53 -18.12
CA GLU B 53 4.02 -19.78 -19.43
C GLU B 53 3.84 -18.58 -20.34
N GLY B 54 4.84 -18.37 -21.20
CA GLY B 54 4.84 -17.28 -22.13
C GLY B 54 5.52 -16.02 -21.65
N MET B 55 6.24 -16.07 -20.54
CA MET B 55 6.88 -14.89 -19.98
C MET B 55 8.22 -15.27 -19.40
N LYS B 56 9.15 -14.31 -19.36
CA LYS B 56 10.43 -14.51 -18.70
C LYS B 56 10.96 -13.19 -18.17
N ILE B 57 11.94 -13.30 -17.27
CA ILE B 57 12.60 -12.14 -16.69
C ILE B 57 13.61 -11.59 -17.67
N ASP B 58 13.77 -10.28 -17.69
CA ASP B 58 14.75 -9.67 -18.58
C ASP B 58 15.12 -8.29 -18.04
N LEU B 59 16.30 -7.85 -18.44
CA LEU B 59 16.69 -6.45 -18.27
C LEU B 59 16.14 -5.65 -19.44
N ILE B 60 15.26 -4.70 -19.13
CA ILE B 60 14.76 -3.77 -20.13
C ILE B 60 15.78 -2.63 -20.23
N ASP B 61 16.51 -2.57 -21.33
CA ASP B 61 17.71 -1.73 -21.37
C ASP B 61 17.31 -0.27 -21.23
N GLY B 62 17.74 0.35 -20.14
CA GLY B 62 17.29 1.68 -19.76
C GLY B 62 16.20 1.69 -18.72
N LYS B 63 15.65 0.53 -18.38
CA LYS B 63 14.56 0.41 -17.41
C LYS B 63 14.97 -0.32 -16.15
N GLY B 64 15.80 -1.34 -16.28
CA GLY B 64 16.03 -2.26 -15.19
C GLY B 64 15.19 -3.51 -15.38
N ARG B 65 14.78 -4.11 -14.28
CA ARG B 65 14.16 -5.41 -14.33
C ARG B 65 12.73 -5.34 -14.88
N GLY B 66 12.29 -6.41 -15.53
CA GLY B 66 10.95 -6.47 -16.07
C GLY B 66 10.62 -7.86 -16.57
N VAL B 67 9.34 -8.06 -16.90
CA VAL B 67 8.87 -9.33 -17.44
C VAL B 67 8.51 -9.16 -18.91
N ILE B 68 8.95 -10.10 -19.72
CA ILE B 68 8.89 -10.06 -21.17
C ILE B 68 8.00 -11.19 -21.66
N ALA B 69 7.14 -10.88 -22.63
CA ALA B 69 6.43 -11.95 -23.34
C ALA B 69 7.42 -12.77 -24.16
N THR B 70 7.33 -14.09 -24.04
CA THR B 70 8.06 -14.99 -24.93
C THR B 70 7.17 -15.65 -25.95
N LYS B 71 5.87 -15.37 -25.91
CA LYS B 71 4.92 -15.85 -26.91
C LYS B 71 3.90 -14.75 -27.15
N GLN B 72 3.11 -14.93 -28.20
CA GLN B 72 2.11 -13.95 -28.57
C GLN B 72 0.86 -14.16 -27.74
N PHE B 73 0.31 -13.07 -27.22
CA PHE B 73 -0.95 -13.07 -26.50
C PHE B 73 -2.01 -12.34 -27.32
N SER B 74 -3.21 -12.88 -27.32
CA SER B 74 -4.34 -12.17 -27.90
C SER B 74 -5.06 -11.36 -26.83
N ARG B 75 -5.75 -10.29 -27.26
CA ARG B 75 -6.61 -9.56 -26.36
C ARG B 75 -7.60 -10.51 -25.68
N GLY B 76 -7.68 -10.43 -24.36
CA GLY B 76 -8.55 -11.27 -23.58
C GLY B 76 -7.87 -12.45 -22.92
N ASP B 77 -6.71 -12.87 -23.43
CA ASP B 77 -6.05 -14.05 -22.91
C ASP B 77 -5.62 -13.84 -21.47
N PHE B 78 -5.67 -14.93 -20.71
CA PHE B 78 -5.05 -14.97 -19.40
C PHE B 78 -3.53 -14.84 -19.56
N VAL B 79 -2.94 -13.97 -18.75
CA VAL B 79 -1.49 -13.79 -18.73
C VAL B 79 -0.90 -14.51 -17.51
N VAL B 80 -1.29 -14.09 -16.31
CA VAL B 80 -0.67 -14.60 -15.10
C VAL B 80 -1.52 -14.22 -13.89
N GLU B 81 -1.47 -15.04 -12.85
CA GLU B 81 -2.03 -14.65 -11.56
C GLU B 81 -1.04 -13.77 -10.81
N TYR B 82 -1.57 -12.74 -10.14
CA TYR B 82 -0.85 -12.04 -9.07
C TYR B 82 -0.97 -12.91 -7.82
N HIS B 83 0.01 -13.78 -7.64
CA HIS B 83 -0.03 -14.81 -6.62
C HIS B 83 0.31 -14.22 -5.25
N GLY B 84 -0.47 -14.58 -4.25
CA GLY B 84 -0.22 -14.06 -2.91
C GLY B 84 -1.26 -14.61 -1.95
N ASP B 85 -0.89 -14.59 -0.68
CA ASP B 85 -1.81 -14.98 0.37
C ASP B 85 -3.07 -14.14 0.33
N LEU B 86 -4.22 -14.80 0.26
CA LEU B 86 -5.52 -14.15 0.36
C LEU B 86 -5.92 -14.07 1.83
N ILE B 87 -6.11 -12.85 2.34
CA ILE B 87 -6.34 -12.62 3.77
C ILE B 87 -7.41 -11.56 3.96
N GLU B 88 -8.02 -11.60 5.15
CA GLU B 88 -8.98 -10.59 5.55
C GLU B 88 -8.24 -9.34 5.99
N ILE B 89 -9.01 -8.30 6.32
CA ILE B 89 -8.42 -6.99 6.55
C ILE B 89 -7.74 -6.91 7.91
N THR B 90 -8.21 -7.69 8.90
CA THR B 90 -7.52 -7.70 10.19
C THR B 90 -6.14 -8.34 10.09
N ASP B 91 -6.05 -9.48 9.41
CA ASP B 91 -4.74 -10.08 9.18
C ASP B 91 -3.85 -9.17 8.35
N ALA B 92 -4.44 -8.46 7.39
CA ALA B 92 -3.66 -7.51 6.62
C ALA B 92 -3.06 -6.41 7.50
N LYS B 93 -3.86 -5.90 8.45
CA LYS B 93 -3.34 -4.90 9.37
C LYS B 93 -2.23 -5.47 10.24
N LYS B 94 -2.36 -6.74 10.64
CA LYS B 94 -1.34 -7.36 11.47
C LYS B 94 -0.04 -7.56 10.69
N ARG B 95 -0.14 -8.05 9.46
CA ARG B 95 1.05 -8.28 8.63
C ARG B 95 1.74 -6.97 8.32
N GLU B 96 0.96 -5.99 7.86
CA GLU B 96 1.47 -4.66 7.57
C GLU B 96 2.24 -4.10 8.76
N ALA B 97 1.65 -4.21 9.96
CA ALA B 97 2.31 -3.72 11.15
C ALA B 97 3.58 -4.50 11.47
N LEU B 98 3.67 -5.75 11.02
CA LEU B 98 4.80 -6.59 11.38
C LEU B 98 5.92 -6.57 10.35
N TYR B 99 5.62 -6.46 9.06
CA TYR B 99 6.69 -6.50 8.06
C TYR B 99 7.71 -5.40 8.33
N ALA B 100 8.98 -5.78 8.24
CA ALA B 100 10.09 -4.86 8.45
C ALA B 100 10.51 -4.27 7.10
N GLN B 101 9.60 -3.49 6.53
CA GLN B 101 9.80 -2.88 5.23
C GLN B 101 9.59 -1.37 5.34
N ASP B 102 10.49 -0.60 4.78
CA ASP B 102 10.24 0.81 4.59
C ASP B 102 9.11 0.96 3.56
N PRO B 103 8.05 1.72 3.85
CA PRO B 103 7.01 1.93 2.83
C PRO B 103 7.52 2.62 1.57
N SER B 104 8.69 3.25 1.63
CA SER B 104 9.23 3.94 0.47
C SER B 104 9.70 2.98 -0.62
N THR B 105 9.91 1.70 -0.31
CA THR B 105 10.29 0.72 -1.31
C THR B 105 9.09 0.04 -1.94
N GLY B 106 7.88 0.31 -1.48
CA GLY B 106 6.70 -0.14 -2.16
C GLY B 106 6.01 -1.28 -1.44
N CYS B 107 4.73 -1.45 -1.78
CA CYS B 107 3.87 -2.37 -1.05
C CYS B 107 3.32 -3.43 -2.03
N TYR B 108 3.38 -4.69 -1.62
CA TYR B 108 2.90 -5.80 -2.43
C TYR B 108 1.50 -6.25 -2.03
N MET B 109 0.87 -5.53 -1.08
CA MET B 109 -0.45 -5.88 -0.54
C MET B 109 -1.52 -5.12 -1.32
N TYR B 110 -2.37 -5.87 -2.03
CA TYR B 110 -3.42 -5.31 -2.87
C TYR B 110 -4.78 -5.56 -2.21
N TYR B 111 -5.49 -4.49 -1.90
CA TYR B 111 -6.83 -4.63 -1.32
C TYR B 111 -7.88 -4.55 -2.40
N PHE B 112 -8.97 -5.27 -2.17
CA PHE B 112 -10.11 -5.25 -3.08
C PHE B 112 -11.31 -5.73 -2.32
N GLN B 113 -12.48 -5.46 -2.88
CA GLN B 113 -13.74 -5.90 -2.33
C GLN B 113 -14.35 -6.94 -3.25
N TYR B 114 -14.76 -8.07 -2.69
CA TYR B 114 -15.40 -9.15 -3.45
C TYR B 114 -16.64 -9.61 -2.70
N LEU B 115 -17.80 -9.50 -3.36
CA LEU B 115 -19.08 -9.89 -2.77
C LEU B 115 -19.27 -9.27 -1.39
N SER B 116 -19.17 -7.94 -1.35
CA SER B 116 -19.43 -7.12 -0.16
C SER B 116 -18.33 -7.21 0.89
N LYS B 117 -17.40 -8.16 0.74
CA LYS B 117 -16.35 -8.37 1.73
C LYS B 117 -15.00 -7.86 1.22
N THR B 118 -14.16 -7.40 2.16
CA THR B 118 -12.85 -6.86 1.84
C THR B 118 -11.79 -7.93 2.03
N TYR B 119 -10.94 -8.10 1.03
CA TYR B 119 -9.86 -9.08 1.03
C TYR B 119 -8.55 -8.38 0.74
N CYS B 120 -7.46 -9.08 0.99
CA CYS B 120 -6.14 -8.60 0.59
C CYS B 120 -5.32 -9.74 -0.01
N VAL B 121 -4.70 -9.49 -1.16
CA VAL B 121 -3.72 -10.42 -1.70
C VAL B 121 -2.34 -9.87 -1.35
N ASP B 122 -1.60 -10.63 -0.56
CA ASP B 122 -0.32 -10.19 0.01
C ASP B 122 0.78 -10.95 -0.72
N ALA B 123 1.47 -10.25 -1.63
CA ALA B 123 2.58 -10.82 -2.37
C ALA B 123 3.93 -10.38 -1.80
N THR B 124 3.99 -10.01 -0.52
CA THR B 124 5.24 -9.49 0.03
C THR B 124 6.35 -10.53 -0.02
N ARG B 125 6.02 -11.83 0.15
CA ARG B 125 7.02 -12.88 0.14
C ARG B 125 7.81 -12.88 -1.16
N GLU B 126 9.14 -12.79 -1.05
CA GLU B 126 10.02 -12.69 -2.22
C GLU B 126 10.02 -14.05 -2.93
N THR B 127 8.94 -14.31 -3.63
CA THR B 127 8.74 -15.60 -4.28
C THR B 127 9.46 -15.62 -5.62
N ASN B 128 9.26 -16.69 -6.37
CA ASN B 128 9.77 -16.80 -7.73
C ASN B 128 8.68 -16.57 -8.75
N ARG B 129 7.55 -16.01 -8.33
CA ARG B 129 6.43 -15.77 -9.24
C ARG B 129 6.71 -14.53 -10.08
N LEU B 130 6.42 -14.64 -11.39
CA LEU B 130 6.64 -13.53 -12.31
C LEU B 130 5.54 -12.48 -12.21
N GLY B 131 4.36 -12.83 -11.72
CA GLY B 131 3.25 -11.88 -11.73
C GLY B 131 3.55 -10.63 -10.93
N ARG B 132 4.26 -10.76 -9.82
CA ARG B 132 4.55 -9.62 -8.98
C ARG B 132 5.75 -8.81 -9.44
N LEU B 133 6.49 -9.28 -10.45
CA LEU B 133 7.55 -8.49 -11.03
C LEU B 133 7.15 -7.81 -12.33
N ILE B 134 5.93 -8.03 -12.83
CA ILE B 134 5.46 -7.31 -14.02
C ILE B 134 5.35 -5.83 -13.69
N ASN B 135 6.00 -4.99 -14.50
CA ASN B 135 6.06 -3.57 -14.13
C ASN B 135 4.74 -2.85 -14.42
N HIS B 136 4.57 -1.69 -13.79
CA HIS B 136 3.35 -0.91 -13.95
C HIS B 136 3.50 0.10 -15.10
N SER B 137 2.37 0.45 -15.68
CA SER B 137 2.34 1.51 -16.68
C SER B 137 0.91 1.99 -16.83
N LYS B 138 0.73 3.30 -16.92
CA LYS B 138 -0.59 3.86 -17.18
C LYS B 138 -1.16 3.34 -18.49
N SER B 139 -0.32 3.05 -19.48
CA SER B 139 -0.79 2.50 -20.76
C SER B 139 -0.24 1.10 -20.94
N GLY B 140 -0.68 0.19 -20.08
CA GLY B 140 -0.15 -1.15 -20.10
C GLY B 140 -0.82 -2.05 -21.10
N ASN B 141 -0.27 -3.24 -21.24
CA ASN B 141 -0.89 -4.27 -22.07
C ASN B 141 -1.54 -5.36 -21.24
N CYS B 142 -1.66 -5.18 -19.92
CA CYS B 142 -2.28 -6.15 -19.03
C CYS B 142 -3.17 -5.44 -18.02
N GLN B 143 -4.42 -5.90 -17.89
CA GLN B 143 -5.34 -5.32 -16.92
C GLN B 143 -5.75 -6.37 -15.89
N THR B 144 -6.11 -5.90 -14.70
CA THR B 144 -6.44 -6.81 -13.62
C THR B 144 -7.89 -7.25 -13.71
N LYS B 145 -8.13 -8.49 -13.30
CA LYS B 145 -9.46 -9.06 -13.28
C LYS B 145 -9.58 -9.94 -12.05
N LEU B 146 -10.74 -9.90 -11.42
CA LEU B 146 -11.08 -10.81 -10.34
C LEU B 146 -11.69 -12.06 -10.94
N HIS B 147 -11.07 -13.21 -10.68
CA HIS B 147 -11.62 -14.46 -11.13
C HIS B 147 -11.97 -15.35 -9.94
N ASP B 148 -13.19 -15.86 -9.96
CA ASP B 148 -13.81 -16.57 -8.85
C ASP B 148 -13.80 -18.06 -9.15
N ILE B 149 -13.21 -18.85 -8.26
CA ILE B 149 -13.27 -20.31 -8.34
C ILE B 149 -13.78 -20.84 -7.01
N ASP B 150 -14.93 -21.52 -7.03
CA ASP B 150 -15.52 -22.12 -5.84
C ASP B 150 -15.69 -21.09 -4.71
N GLY B 151 -16.04 -19.86 -5.09
CA GLY B 151 -16.22 -18.79 -4.13
C GLY B 151 -14.96 -18.03 -3.73
N VAL B 152 -13.80 -18.42 -4.21
CA VAL B 152 -12.53 -17.85 -3.78
C VAL B 152 -12.04 -16.87 -4.85
N PRO B 153 -11.83 -15.61 -4.52
CA PRO B 153 -11.35 -14.65 -5.52
C PRO B 153 -9.87 -14.82 -5.78
N HIS B 154 -9.50 -14.74 -7.06
CA HIS B 154 -8.11 -14.74 -7.47
C HIS B 154 -7.85 -13.47 -8.28
N LEU B 155 -6.66 -12.89 -8.08
CA LEU B 155 -6.30 -11.65 -8.75
C LEU B 155 -5.42 -12.02 -9.94
N ILE B 156 -5.93 -11.80 -11.15
CA ILE B 156 -5.27 -12.28 -12.35
C ILE B 156 -5.06 -11.12 -13.32
N LEU B 157 -4.06 -11.29 -14.20
CA LEU B 157 -3.77 -10.31 -15.25
C LEU B 157 -4.26 -10.84 -16.59
N ILE B 158 -4.94 -9.98 -17.33
CA ILE B 158 -5.55 -10.30 -18.62
C ILE B 158 -4.93 -9.37 -19.66
N ALA B 159 -4.63 -9.90 -20.84
CA ALA B 159 -4.15 -9.07 -21.94
C ALA B 159 -5.23 -8.08 -22.38
N SER B 160 -4.94 -6.80 -22.30
CA SER B 160 -5.89 -5.79 -22.72
C SER B 160 -5.72 -5.44 -24.20
N ARG B 161 -4.73 -6.02 -24.86
CA ARG B 161 -4.54 -5.86 -26.30
C ARG B 161 -3.73 -7.06 -26.76
N ASP B 162 -3.63 -7.21 -28.08
CA ASP B 162 -2.69 -8.17 -28.62
C ASP B 162 -1.27 -7.75 -28.27
N ILE B 163 -0.46 -8.73 -27.86
CA ILE B 163 0.90 -8.50 -27.40
C ILE B 163 1.84 -9.38 -28.21
N ALA B 164 2.97 -8.82 -28.62
CA ALA B 164 3.93 -9.53 -29.45
C ALA B 164 4.94 -10.23 -28.58
N ALA B 165 5.43 -11.37 -29.07
CA ALA B 165 6.56 -12.03 -28.42
C ALA B 165 7.73 -11.05 -28.35
N GLY B 166 8.32 -10.92 -27.16
CA GLY B 166 9.39 -9.99 -26.95
C GLY B 166 8.98 -8.64 -26.40
N GLU B 167 7.67 -8.34 -26.39
CA GLU B 167 7.17 -7.12 -25.75
C GLU B 167 7.22 -7.22 -24.24
N GLU B 168 7.36 -6.09 -23.59
CA GLU B 168 7.30 -6.07 -22.15
C GLU B 168 5.85 -6.13 -21.68
N LEU B 169 5.56 -7.07 -20.79
CA LEU B 169 4.27 -7.10 -20.12
C LEU B 169 4.22 -5.98 -19.11
N LEU B 170 3.17 -5.16 -19.18
CA LEU B 170 3.01 -4.01 -18.30
C LEU B 170 1.58 -3.92 -17.83
N TYR B 171 1.39 -3.85 -16.52
CA TYR B 171 0.06 -3.97 -15.97
C TYR B 171 -0.52 -2.60 -15.68
N ASP B 172 -1.84 -2.56 -15.61
CA ASP B 172 -2.61 -1.43 -15.15
C ASP B 172 -3.73 -1.98 -14.28
N TYR B 173 -4.24 -1.15 -13.37
CA TYR B 173 -5.33 -1.56 -12.49
C TYR B 173 -6.62 -1.50 -13.30
N GLY B 174 -7.21 -2.66 -13.57
CA GLY B 174 -8.30 -2.72 -14.52
C GLY B 174 -9.62 -2.26 -13.97
N ASP B 175 -9.86 -2.51 -12.67
CA ASP B 175 -11.12 -2.16 -12.01
C ASP B 175 -12.32 -2.72 -12.77
#